data_2RJI
#
_entry.id   2RJI
#
_cell.length_a   50.237
_cell.length_b   65.591
_cell.length_c   105.352
_cell.angle_alpha   90.00
_cell.angle_beta   90.00
_cell.angle_gamma   90.00
#
_symmetry.space_group_name_H-M   'C 2 2 21'
#
loop_
_entity.id
_entity.type
_entity.pdbx_description
1 polymer 'Erythrocyte binding antigen 175'
2 non-polymer 'CALCIUM ION'
3 water water
#
_entity_poly.entity_id   1
_entity_poly.type   'polypeptide(L)'
_entity_poly.pdbx_seq_one_letter_code
;DDSTTKELIKKLAEINKCENEISAKYCDHMIHEEIPLKTCTKEKTRNLCCAVSDYCMSYFTYDSEEYYDCTKREFDDPSY
TCFR
;
_entity_poly.pdbx_strand_id   A,B
#
# COMPACT_ATOMS: atom_id res chain seq x y z
N ASP A 1 17.37 3.30 -14.48
CA ASP A 1 17.81 4.31 -13.46
C ASP A 1 16.80 5.47 -13.34
N ASP A 2 17.01 6.35 -12.36
CA ASP A 2 16.04 7.39 -12.05
C ASP A 2 15.62 8.26 -13.24
N SER A 3 16.58 8.70 -14.06
CA SER A 3 16.26 9.55 -15.20
C SER A 3 15.28 8.87 -16.15
N THR A 4 15.59 7.61 -16.48
CA THR A 4 14.78 6.75 -17.35
C THR A 4 13.37 6.49 -16.80
N THR A 5 13.29 6.12 -15.52
CA THR A 5 12.03 5.91 -14.80
C THR A 5 11.15 7.14 -14.90
N LYS A 6 11.72 8.31 -14.59
CA LYS A 6 10.93 9.55 -14.61
C LYS A 6 10.44 9.92 -16.02
N GLU A 7 11.28 9.68 -17.03
CA GLU A 7 10.90 9.88 -18.44
C GLU A 7 9.79 8.96 -18.90
N LEU A 8 9.91 7.66 -18.58
CA LEU A 8 8.89 6.67 -18.90
C LEU A 8 7.60 7.11 -18.26
N ILE A 9 7.68 7.45 -16.98
CA ILE A 9 6.51 7.85 -16.20
C ILE A 9 5.79 9.06 -16.81
N LYS A 10 6.55 10.11 -17.13
CA LYS A 10 5.94 11.29 -17.76
C LYS A 10 5.32 11.00 -19.11
N LYS A 11 5.99 10.16 -19.91
CA LYS A 11 5.43 9.79 -21.22
C LYS A 11 4.21 8.91 -21.09
N LEU A 12 4.22 7.94 -20.18
CA LEU A 12 3.03 7.10 -19.97
C LEU A 12 1.87 7.97 -19.55
N ALA A 13 2.15 8.97 -18.70
CA ALA A 13 1.13 9.89 -18.18
C ALA A 13 0.44 10.62 -19.33
N GLU A 14 1.25 11.10 -20.27
CA GLU A 14 0.76 11.80 -21.47
C GLU A 14 0.00 10.86 -22.44
N ILE A 15 0.49 9.64 -22.61
CA ILE A 15 0.00 8.73 -23.63
C ILE A 15 -1.15 7.86 -23.14
N ASN A 16 -0.94 7.23 -21.99
CA ASN A 16 -1.86 6.23 -21.44
C ASN A 16 -2.92 6.86 -20.56
N LYS A 17 -2.56 7.96 -19.91
CA LYS A 17 -3.41 8.62 -18.94
C LYS A 17 -3.85 7.57 -17.89
N CYS A 18 -5.15 7.50 -17.61
CA CYS A 18 -5.66 6.56 -16.61
C CYS A 18 -6.56 5.54 -17.29
N GLU A 19 -6.11 5.05 -18.43
CA GLU A 19 -6.90 4.06 -19.20
C GLU A 19 -6.94 2.66 -18.59
N ASN A 20 -6.05 2.40 -17.62
CA ASN A 20 -6.06 1.16 -16.86
C ASN A 20 -6.91 1.28 -15.61
N GLU A 21 -8.01 0.51 -15.57
CA GLU A 21 -8.96 0.56 -14.47
C GLU A 21 -8.38 0.35 -13.07
N ILE A 22 -7.52 -0.64 -12.94
CA ILE A 22 -6.93 -0.97 -11.64
C ILE A 22 -6.10 0.27 -11.14
N SER A 23 -5.31 0.84 -12.03
CA SER A 23 -4.48 2.00 -11.64
C SER A 23 -5.37 3.22 -11.35
N ALA A 24 -6.43 3.39 -12.16
CA ALA A 24 -7.33 4.52 -11.98
C ALA A 24 -7.94 4.48 -10.58
N LYS A 25 -8.36 3.30 -10.13
CA LYS A 25 -9.05 3.18 -8.82
C LYS A 25 -8.06 3.43 -7.66
N TYR A 26 -6.86 2.91 -7.82
CA TYR A 26 -5.79 3.09 -6.84
C TYR A 26 -5.48 4.57 -6.68
N CYS A 27 -5.33 5.23 -7.83
CA CYS A 27 -5.06 6.67 -7.90
C CYS A 27 -6.22 7.54 -7.41
N ASP A 28 -7.45 7.12 -7.63
CA ASP A 28 -8.58 7.83 -7.04
C ASP A 28 -8.43 7.85 -5.51
N HIS A 29 -8.05 6.71 -4.93
CA HIS A 29 -7.80 6.63 -3.49
C HIS A 29 -6.61 7.48 -3.06
N MET A 30 -5.53 7.42 -3.82
CA MET A 30 -4.34 8.20 -3.49
C MET A 30 -4.57 9.71 -3.49
N ILE A 31 -5.22 10.22 -4.54
CA ILE A 31 -5.55 11.64 -4.64
C ILE A 31 -6.40 12.09 -3.44
N HIS A 32 -7.38 11.26 -3.07
CA HIS A 32 -8.28 11.55 -1.97
C HIS A 32 -7.53 11.64 -0.64
N GLU A 33 -6.56 10.75 -0.45
CA GLU A 33 -5.91 10.54 0.87
C GLU A 33 -4.43 10.92 0.95
N GLU A 34 -3.62 10.52 -0.03
CA GLU A 34 -2.16 10.49 0.14
C GLU A 34 -1.39 11.49 -0.72
N ILE A 35 -2.00 11.93 -1.83
CA ILE A 35 -1.38 12.88 -2.74
C ILE A 35 -2.16 14.20 -2.70
N PRO A 36 -1.50 15.31 -2.29
CA PRO A 36 -2.18 16.63 -2.30
C PRO A 36 -2.41 17.20 -3.70
N LEU A 37 -3.58 17.83 -3.89
CA LEU A 37 -3.93 18.54 -5.11
C LEU A 37 -3.82 20.03 -4.83
N LYS A 38 -2.80 20.67 -5.39
CA LYS A 38 -2.53 22.05 -5.03
C LYS A 38 -1.75 22.74 -6.14
N THR A 39 -0.91 21.97 -6.83
CA THR A 39 0.08 22.53 -7.72
C THR A 39 -0.28 22.28 -9.16
N CYS A 40 -0.98 21.18 -9.41
CA CYS A 40 -1.36 20.81 -10.76
C CYS A 40 -2.87 20.52 -10.77
N THR A 41 -3.45 20.49 -11.95
CA THR A 41 -4.88 20.15 -12.08
C THR A 41 -5.12 18.73 -11.55
N LYS A 42 -6.36 18.46 -11.16
CA LYS A 42 -6.75 17.11 -10.72
C LYS A 42 -6.42 16.10 -11.81
N GLU A 43 -6.75 16.43 -13.06
CA GLU A 43 -6.49 15.55 -14.21
C GLU A 43 -4.99 15.21 -14.37
N LYS A 44 -4.15 16.25 -14.37
CA LYS A 44 -2.72 16.05 -14.56
C LYS A 44 -2.19 15.13 -13.43
N THR A 45 -2.56 15.43 -12.21
CA THR A 45 -2.06 14.72 -11.01
C THR A 45 -2.51 13.24 -11.06
N ARG A 46 -3.79 13.02 -11.38
CA ARG A 46 -4.31 11.67 -11.51
C ARG A 46 -3.58 10.90 -12.61
N ASN A 47 -3.37 11.54 -13.76
CA ASN A 47 -2.73 10.84 -14.89
C ASN A 47 -1.26 10.45 -14.55
N LEU A 48 -0.59 11.33 -13.83
CA LEU A 48 0.79 11.03 -13.36
C LEU A 48 0.76 9.87 -12.36
N CYS A 49 -0.18 9.92 -11.42
CA CYS A 49 -0.40 8.80 -10.49
C CYS A 49 -0.63 7.48 -11.23
N CYS A 50 -1.53 7.49 -12.23
CA CYS A 50 -1.83 6.26 -13.00
C CYS A 50 -0.58 5.74 -13.71
N ALA A 51 0.21 6.65 -14.29
CA ALA A 51 1.50 6.27 -14.86
C ALA A 51 2.44 5.58 -13.86
N VAL A 52 2.52 6.10 -12.64
CA VAL A 52 3.33 5.52 -11.56
C VAL A 52 2.86 4.10 -11.30
N SER A 53 1.54 3.95 -11.13
CA SER A 53 1.00 2.65 -10.88
C SER A 53 1.24 1.68 -12.05
N ASP A 54 0.99 2.11 -13.29
CA ASP A 54 1.18 1.19 -14.45
C ASP A 54 2.66 0.81 -14.62
N TYR A 55 3.51 1.80 -14.44
CA TYR A 55 4.95 1.53 -14.48
C TYR A 55 5.33 0.45 -13.44
N CYS A 56 4.88 0.63 -12.20
CA CYS A 56 5.23 -0.30 -11.13
C CYS A 56 4.61 -1.70 -11.37
N MET A 57 3.38 -1.71 -11.88
CA MET A 57 2.68 -2.96 -12.18
C MET A 57 3.32 -3.74 -13.31
N SER A 58 4.08 -3.04 -14.18
CA SER A 58 4.81 -3.68 -15.27
C SER A 58 6.00 -4.51 -14.75
N TYR A 59 6.43 -4.27 -13.51
CA TYR A 59 7.47 -5.06 -12.84
C TYR A 59 7.01 -5.99 -11.74
N PHE A 60 5.99 -5.56 -11.00
CA PHE A 60 5.58 -6.21 -9.77
C PHE A 60 4.06 -6.44 -9.76
N THR A 61 3.64 -7.46 -9.01
CA THR A 61 2.23 -7.82 -8.85
C THR A 61 1.49 -6.71 -8.14
N TYR A 62 0.34 -6.32 -8.66
CA TYR A 62 -0.53 -5.35 -7.97
C TYR A 62 -0.70 -5.72 -6.48
N ASP A 63 -0.51 -4.73 -5.61
CA ASP A 63 -0.70 -4.84 -4.15
C ASP A 63 0.32 -5.71 -3.41
N SER A 64 1.42 -6.05 -4.09
CA SER A 64 2.57 -6.69 -3.45
C SER A 64 3.43 -5.64 -2.75
N GLU A 65 4.33 -6.10 -1.89
CA GLU A 65 5.25 -5.21 -1.18
C GLU A 65 6.04 -4.37 -2.17
N GLU A 66 6.54 -5.03 -3.20
CA GLU A 66 7.41 -4.37 -4.19
C GLU A 66 6.62 -3.28 -4.96
N TYR A 67 5.37 -3.59 -5.31
CA TYR A 67 4.46 -2.64 -5.92
C TYR A 67 4.22 -1.43 -5.02
N TYR A 68 3.88 -1.68 -3.75
CA TYR A 68 3.68 -0.59 -2.79
C TYR A 68 4.94 0.31 -2.63
N ASP A 69 6.09 -0.34 -2.45
CA ASP A 69 7.41 0.35 -2.36
C ASP A 69 7.65 1.23 -3.59
N CYS A 70 7.45 0.63 -4.77
CA CYS A 70 7.74 1.28 -6.04
C CYS A 70 6.84 2.53 -6.20
N THR A 71 5.53 2.37 -5.92
CA THR A 71 4.59 3.50 -6.08
C THR A 71 4.89 4.59 -5.03
N LYS A 72 5.08 4.19 -3.78
CA LYS A 72 5.45 5.14 -2.71
C LYS A 72 6.73 5.95 -3.04
N ARG A 73 7.73 5.26 -3.61
CA ARG A 73 9.03 5.91 -3.91
C ARG A 73 8.79 7.09 -4.83
N GLU A 74 7.90 6.91 -5.83
CA GLU A 74 7.61 7.96 -6.80
C GLU A 74 6.72 9.05 -6.18
N PHE A 75 5.70 8.64 -5.43
CA PHE A 75 4.82 9.62 -4.77
C PHE A 75 5.56 10.51 -3.77
N ASP A 76 6.60 9.95 -3.13
CA ASP A 76 7.38 10.64 -2.11
C ASP A 76 8.54 11.45 -2.66
N ASP A 77 8.78 11.33 -3.97
CA ASP A 77 9.94 12.01 -4.56
C ASP A 77 9.59 13.47 -4.76
N PRO A 78 10.30 14.38 -4.04
CA PRO A 78 9.92 15.79 -4.06
C PRO A 78 10.09 16.46 -5.40
N SER A 79 10.66 15.75 -6.37
CA SER A 79 10.92 16.35 -7.68
C SER A 79 9.71 16.33 -8.58
N TYR A 80 8.73 15.48 -8.23
CA TYR A 80 7.40 15.52 -8.87
C TYR A 80 6.61 16.68 -8.31
N THR A 81 6.51 17.70 -9.12
CA THR A 81 5.96 18.94 -8.70
C THR A 81 4.43 18.79 -8.45
N CYS A 82 3.82 17.85 -9.15
CA CYS A 82 2.37 17.61 -8.98
C CYS A 82 2.03 16.84 -7.70
N PHE A 83 3.02 16.13 -7.13
CA PHE A 83 2.81 15.29 -5.96
C PHE A 83 3.21 15.99 -4.67
N ARG A 84 3.87 17.13 -4.81
CA ARG A 84 4.51 17.82 -3.67
C ARG A 84 3.57 18.88 -3.15
N SER B 3 6.56 -13.61 -0.70
CA SER B 3 6.76 -14.25 0.64
C SER B 3 7.93 -13.65 1.44
N THR B 4 8.57 -12.63 0.88
CA THR B 4 9.37 -11.68 1.65
C THR B 4 8.43 -10.99 2.65
N THR B 5 7.30 -10.52 2.15
CA THR B 5 6.25 -9.87 2.95
C THR B 5 5.84 -10.71 4.16
N LYS B 6 5.59 -11.99 3.92
CA LYS B 6 5.15 -12.86 4.99
C LYS B 6 6.24 -12.94 6.05
N GLU B 7 7.50 -13.04 5.61
CA GLU B 7 8.64 -12.97 6.53
C GLU B 7 8.72 -11.64 7.23
N LEU B 8 8.54 -10.54 6.49
CA LEU B 8 8.53 -9.21 7.08
C LEU B 8 7.43 -9.11 8.12
N ILE B 9 6.21 -9.46 7.73
CA ILE B 9 5.10 -9.41 8.67
C ILE B 9 5.38 -10.26 9.89
N LYS B 10 5.82 -11.50 9.67
CA LYS B 10 6.08 -12.41 10.78
C LYS B 10 7.14 -11.81 11.66
N LYS B 11 8.14 -11.19 11.04
CA LYS B 11 9.23 -10.60 11.78
C LYS B 11 8.82 -9.34 12.53
N LEU B 12 8.06 -8.47 11.88
CA LEU B 12 7.47 -7.31 12.58
C LEU B 12 6.64 -7.78 13.78
N ALA B 13 5.93 -8.90 13.62
CA ALA B 13 5.09 -9.43 14.70
C ALA B 13 5.96 -9.78 15.90
N GLU B 14 7.09 -10.44 15.63
CA GLU B 14 8.01 -10.85 16.67
C GLU B 14 8.70 -9.66 17.34
N ILE B 15 9.13 -8.69 16.54
CA ILE B 15 9.89 -7.57 17.06
C ILE B 15 9.02 -6.50 17.74
N ASN B 16 7.95 -6.09 17.08
CA ASN B 16 7.13 -5.00 17.57
C ASN B 16 5.92 -5.43 18.37
N LYS B 17 5.41 -6.63 18.08
CA LYS B 17 4.17 -7.12 18.68
C LYS B 17 3.09 -6.04 18.51
N CYS B 18 2.29 -5.78 19.54
CA CYS B 18 1.26 -4.73 19.45
C CYS B 18 1.65 -3.42 20.16
N GLU B 19 2.94 -3.07 20.10
CA GLU B 19 3.46 -1.83 20.69
C GLU B 19 2.83 -0.55 20.13
N ASN B 20 2.32 -0.61 18.90
CA ASN B 20 1.65 0.53 18.26
C ASN B 20 0.17 0.55 18.65
N GLU B 21 -0.23 1.61 19.37
CA GLU B 21 -1.57 1.63 20.00
C GLU B 21 -2.75 1.60 19.01
N ILE B 22 -2.64 2.34 17.91
CA ILE B 22 -3.67 2.31 16.84
C ILE B 22 -3.88 0.90 16.28
N SER B 23 -2.77 0.22 15.98
CA SER B 23 -2.82 -1.15 15.48
C SER B 23 -3.43 -2.09 16.52
N ALA B 24 -3.05 -1.91 17.79
CA ALA B 24 -3.56 -2.77 18.86
C ALA B 24 -5.08 -2.67 18.97
N LYS B 25 -5.60 -1.44 18.94
CA LYS B 25 -7.05 -1.19 19.01
C LYS B 25 -7.79 -1.79 17.82
N TYR B 26 -7.26 -1.59 16.61
CA TYR B 26 -7.87 -2.14 15.40
C TYR B 26 -7.89 -3.68 15.46
N CYS B 27 -6.79 -4.26 15.94
CA CYS B 27 -6.67 -5.71 15.99
C CYS B 27 -7.47 -6.36 17.09
N ASP B 28 -7.68 -5.63 18.20
CA ASP B 28 -8.58 -6.09 19.27
C ASP B 28 -10.01 -6.25 18.78
N HIS B 29 -10.39 -5.42 17.81
CA HIS B 29 -11.69 -5.54 17.14
C HIS B 29 -11.70 -6.68 16.11
N MET B 30 -10.64 -6.75 15.31
CA MET B 30 -10.56 -7.65 14.15
C MET B 30 -10.66 -9.15 14.50
N ILE B 31 -10.12 -9.54 15.66
CA ILE B 31 -10.12 -10.96 16.07
C ILE B 31 -11.51 -11.44 16.55
N HIS B 32 -12.53 -10.68 16.12
CA HIS B 32 -13.96 -10.83 16.48
C HIS B 32 -14.24 -10.71 17.99
N PRO B 36 -10.40 -14.89 13.23
CA PRO B 36 -10.41 -16.32 13.58
C PRO B 36 -9.18 -16.71 14.40
N LEU B 37 -9.41 -17.48 15.46
CA LEU B 37 -8.35 -17.82 16.42
C LEU B 37 -8.24 -19.33 16.58
N LYS B 38 -8.36 -20.05 15.47
CA LYS B 38 -8.35 -21.50 15.54
C LYS B 38 -6.93 -22.08 15.57
N THR B 39 -6.10 -21.63 14.62
CA THR B 39 -4.83 -22.28 14.31
C THR B 39 -3.69 -21.86 15.24
N CYS B 40 -3.66 -20.59 15.64
CA CYS B 40 -2.56 -20.07 16.47
C CYS B 40 -3.06 -19.63 17.82
N THR B 41 -2.14 -19.39 18.76
CA THR B 41 -2.54 -18.81 20.04
C THR B 41 -3.09 -17.42 19.76
N LYS B 42 -3.97 -16.96 20.64
CA LYS B 42 -4.59 -15.64 20.53
C LYS B 42 -3.49 -14.60 20.48
N GLU B 43 -2.51 -14.73 21.37
CA GLU B 43 -1.41 -13.79 21.41
C GLU B 43 -0.66 -13.69 20.07
N LYS B 44 -0.29 -14.83 19.49
CA LYS B 44 0.44 -14.81 18.23
C LYS B 44 -0.41 -14.24 17.11
N THR B 45 -1.70 -14.56 17.11
CA THR B 45 -2.60 -14.03 16.08
C THR B 45 -2.73 -12.53 16.18
N ARG B 46 -2.89 -12.02 17.41
CA ARG B 46 -2.97 -10.57 17.64
C ARG B 46 -1.70 -9.86 17.18
N ASN B 47 -0.55 -10.42 17.53
CA ASN B 47 0.73 -9.82 17.14
C ASN B 47 0.86 -9.76 15.62
N LEU B 48 0.37 -10.80 14.94
CA LEU B 48 0.42 -10.86 13.48
C LEU B 48 -0.50 -9.82 12.89
N CYS B 49 -1.68 -9.68 13.52
CA CYS B 49 -2.65 -8.68 13.10
C CYS B 49 -2.02 -7.28 13.19
N CYS B 50 -1.34 -7.01 14.31
CA CYS B 50 -0.71 -5.71 14.53
C CYS B 50 0.40 -5.42 13.53
N ALA B 51 1.15 -6.47 13.17
CA ALA B 51 2.18 -6.37 12.14
C ALA B 51 1.60 -6.01 10.78
N VAL B 52 0.52 -6.68 10.40
CA VAL B 52 -0.20 -6.38 9.16
C VAL B 52 -0.65 -4.91 9.15
N SER B 53 -1.26 -4.46 10.26
CA SER B 53 -1.68 -3.07 10.42
C SER B 53 -0.51 -2.12 10.28
N ASP B 54 0.60 -2.40 10.98
CA ASP B 54 1.80 -1.57 10.91
C ASP B 54 2.35 -1.50 9.49
N TYR B 55 2.42 -2.65 8.81
CA TYR B 55 2.90 -2.72 7.44
C TYR B 55 2.06 -1.85 6.54
N CYS B 56 0.74 -2.04 6.63
CA CYS B 56 -0.17 -1.28 5.78
C CYS B 56 -0.09 0.23 6.04
N MET B 57 0.06 0.62 7.30
CA MET B 57 0.15 2.03 7.68
C MET B 57 1.42 2.71 7.17
N SER B 58 2.46 1.91 6.88
CA SER B 58 3.70 2.46 6.32
C SER B 58 3.48 2.97 4.89
N TYR B 59 2.41 2.51 4.25
CA TYR B 59 2.04 3.02 2.92
C TYR B 59 0.80 3.91 2.93
N PHE B 60 -0.14 3.61 3.81
CA PHE B 60 -1.50 4.16 3.73
C PHE B 60 -2.00 4.69 5.07
N THR B 61 -2.72 5.81 5.03
CA THR B 61 -3.25 6.46 6.23
C THR B 61 -4.23 5.52 6.94
N TYR B 62 -4.09 5.35 8.25
CA TYR B 62 -5.09 4.57 8.99
C TYR B 62 -6.52 4.97 8.59
N ASP B 63 -7.37 3.96 8.36
CA ASP B 63 -8.80 4.20 8.10
C ASP B 63 -9.11 4.52 6.64
N SER B 64 -8.07 4.66 5.81
CA SER B 64 -8.27 4.95 4.41
C SER B 64 -8.67 3.69 3.64
N GLU B 65 -9.29 3.88 2.46
CA GLU B 65 -9.70 2.75 1.61
C GLU B 65 -8.54 1.81 1.25
N GLU B 66 -7.39 2.38 0.91
CA GLU B 66 -6.26 1.56 0.56
C GLU B 66 -5.74 0.78 1.76
N TYR B 67 -5.78 1.39 2.94
CA TYR B 67 -5.31 0.73 4.16
C TYR B 67 -6.14 -0.54 4.42
N TYR B 68 -7.47 -0.42 4.29
CA TYR B 68 -8.31 -1.60 4.43
C TYR B 68 -8.08 -2.66 3.34
N ASP B 69 -7.86 -2.23 2.10
CA ASP B 69 -7.57 -3.17 1.00
C ASP B 69 -6.30 -3.95 1.33
N CYS B 70 -5.32 -3.19 1.81
CA CYS B 70 -4.03 -3.72 2.19
C CYS B 70 -4.15 -4.76 3.31
N THR B 71 -4.86 -4.42 4.38
CA THR B 71 -4.96 -5.36 5.49
C THR B 71 -5.80 -6.58 5.09
N LYS B 72 -6.90 -6.34 4.38
CA LYS B 72 -7.77 -7.45 3.98
C LYS B 72 -7.03 -8.44 3.12
N ARG B 73 -6.19 -7.94 2.22
CA ARG B 73 -5.39 -8.78 1.36
C ARG B 73 -4.52 -9.75 2.14
N GLU B 74 -3.88 -9.26 3.20
CA GLU B 74 -3.12 -10.12 4.08
C GLU B 74 -3.99 -11.12 4.88
N PHE B 75 -5.05 -10.61 5.53
CA PHE B 75 -5.90 -11.45 6.36
C PHE B 75 -6.56 -12.58 5.56
N ASP B 76 -6.77 -12.33 4.27
CA ASP B 76 -7.42 -13.28 3.35
C ASP B 76 -6.46 -14.26 2.73
N ASP B 77 -5.16 -14.04 2.93
CA ASP B 77 -4.13 -14.86 2.35
C ASP B 77 -3.94 -16.14 3.14
N PRO B 78 -4.34 -17.30 2.56
CA PRO B 78 -4.24 -18.60 3.22
C PRO B 78 -2.81 -19.03 3.55
N SER B 79 -1.83 -18.26 3.07
CA SER B 79 -0.41 -18.46 3.37
C SER B 79 -0.12 -18.30 4.88
N TYR B 80 -0.80 -17.33 5.52
CA TYR B 80 -0.70 -17.17 6.98
C TYR B 80 -1.50 -18.24 7.71
N THR B 81 -0.79 -19.13 8.40
CA THR B 81 -1.47 -20.21 9.10
C THR B 81 -2.44 -19.65 10.14
N CYS B 82 -2.08 -18.54 10.80
CA CYS B 82 -2.86 -18.01 11.92
C CYS B 82 -4.20 -17.40 11.51
N PHE B 83 -4.29 -16.95 10.25
CA PHE B 83 -5.51 -16.26 9.77
C PHE B 83 -6.55 -17.17 9.17
N ARG B 84 -6.20 -18.45 9.03
CA ARG B 84 -7.09 -19.47 8.48
C ARG B 84 -8.39 -19.61 9.25
#